data_2Z4H
#
_entry.id   2Z4H
#
_cell.length_a   121.155
_cell.length_b   121.155
_cell.length_c   83.881
_cell.angle_alpha   90.00
_cell.angle_beta   90.00
_cell.angle_gamma   90.00
#
_symmetry.space_group_name_H-M   'P 43 21 2'
#
loop_
_entity.id
_entity.type
_entity.pdbx_description
1 polymer 'Copper homeostasis protein cutF'
2 non-polymer 'SULFATE ION'
#
_entity_poly.entity_id   1
_entity_poly.type   'polypeptide(L)'
_entity_poly.pdbx_seq_one_letter_code
;ANNRAEVDTLSPAQAAELKPMPQSWRGVLPCADCEGIETSLFLEKDGTWVMNERYLGAREEPSSFASYGTWARTADKLVL
TDSKGEKSYYRAKGDALEMLDREGNPIESQFNYTLEAAQSSLPMTPMTLRGMYFYMADAATFTDCATGKRFMVANNAELE
RSYLAARGHSEKPVLLSVEGHFTLEGNPDTGAPTKVLAPDTAGKFYPNQDCSSLGQMASMTGGQQMGHHHHHH
;
_entity_poly.pdbx_strand_id   A,B
#
loop_
_chem_comp.id
_chem_comp.type
_chem_comp.name
_chem_comp.formula
SO4 non-polymer 'SULFATE ION' 'O4 S -2'
#
# COMPACT_ATOMS: atom_id res chain seq x y z
N MET A 21 29.88 0.54 12.15
CA MET A 21 28.52 0.42 12.75
C MET A 21 27.95 1.80 13.13
N PRO A 22 26.69 2.07 12.76
CA PRO A 22 26.02 3.35 13.05
C PRO A 22 25.92 3.59 14.54
N GLN A 23 25.57 4.81 14.94
CA GLN A 23 25.45 5.10 16.36
C GLN A 23 24.13 5.70 16.81
N SER A 24 23.16 5.81 15.89
CA SER A 24 21.85 6.36 16.22
C SER A 24 20.76 5.47 15.64
N TRP A 25 19.86 5.01 16.49
CA TRP A 25 18.76 4.15 16.09
C TRP A 25 17.43 4.72 16.53
N ARG A 26 16.47 4.72 15.62
CA ARG A 26 15.13 5.25 15.90
C ARG A 26 14.11 4.22 15.49
N GLY A 27 12.93 4.35 16.07
CA GLY A 27 11.82 3.46 15.77
C GLY A 27 10.74 3.63 16.81
N VAL A 28 9.51 3.27 16.46
CA VAL A 28 8.41 3.36 17.40
C VAL A 28 8.01 1.94 17.84
N LEU A 29 8.26 1.65 19.11
CA LEU A 29 7.94 0.34 19.66
C LEU A 29 6.53 0.33 20.22
N PRO A 30 5.94 -0.86 20.35
CA PRO A 30 4.59 -1.04 20.88
C PRO A 30 4.40 -0.68 22.34
N CYS A 31 3.25 -0.09 22.60
CA CYS A 31 2.83 0.40 23.92
C CYS A 31 1.60 -0.38 24.37
N ALA A 32 1.66 -0.94 25.57
CA ALA A 32 0.52 -1.67 26.09
C ALA A 32 -0.57 -0.69 26.53
N ASP A 33 -0.18 0.52 26.91
CA ASP A 33 -1.13 1.53 27.37
C ASP A 33 -1.16 2.82 26.54
N CYS A 34 -0.69 2.75 25.29
CA CYS A 34 -0.71 3.94 24.45
C CYS A 34 -0.48 3.65 22.98
N GLU A 35 -0.61 4.69 22.16
CA GLU A 35 -0.46 4.59 20.71
C GLU A 35 0.87 3.93 20.33
N GLY A 36 1.90 4.17 21.12
CA GLY A 36 3.19 3.57 20.84
C GLY A 36 4.33 4.36 21.42
N ILE A 37 5.42 3.66 21.77
CA ILE A 37 6.58 4.32 22.34
C ILE A 37 7.62 4.71 21.28
N GLU A 38 7.96 5.99 21.26
CA GLU A 38 8.95 6.55 20.33
C GLU A 38 10.35 6.39 20.87
N THR A 39 11.03 5.34 20.44
CA THR A 39 12.37 5.09 20.93
C THR A 39 13.50 5.66 20.08
N SER A 40 14.63 5.95 20.73
CA SER A 40 15.80 6.49 20.04
C SER A 40 17.02 6.17 20.89
N LEU A 41 17.96 5.43 20.30
CA LEU A 41 19.17 5.02 21.00
C LEU A 41 20.36 5.73 20.40
N PHE A 42 21.25 6.23 21.26
CA PHE A 42 22.43 6.97 20.84
C PHE A 42 23.68 6.42 21.45
N LEU A 43 24.50 5.81 20.61
CA LEU A 43 25.75 5.20 21.07
C LEU A 43 26.91 6.14 20.83
N GLU A 44 27.28 6.85 21.87
CA GLU A 44 28.38 7.77 21.76
C GLU A 44 29.72 7.05 21.68
N LYS A 45 30.70 7.70 21.08
CA LYS A 45 32.04 7.12 20.92
C LYS A 45 32.81 7.02 22.24
N ASP A 46 32.47 7.86 23.21
CA ASP A 46 33.17 7.78 24.48
C ASP A 46 32.67 6.60 25.30
N GLY A 47 32.17 5.58 24.61
CA GLY A 47 31.68 4.38 25.28
C GLY A 47 30.35 4.45 26.03
N THR A 48 29.79 5.64 26.19
CA THR A 48 28.51 5.75 26.88
C THR A 48 27.38 5.79 25.86
N TRP A 49 26.15 5.78 26.36
CA TRP A 49 25.00 5.83 25.47
C TRP A 49 23.86 6.56 26.12
N VAL A 50 22.91 7.03 25.32
CA VAL A 50 21.77 7.73 25.86
C VAL A 50 20.53 7.31 25.08
N MET A 51 19.53 6.83 25.80
CA MET A 51 18.28 6.41 25.17
C MET A 51 17.12 7.32 25.54
N ASN A 52 16.24 7.59 24.59
CA ASN A 52 15.10 8.43 24.88
C ASN A 52 13.82 7.74 24.48
N GLU A 53 12.79 7.88 25.32
CA GLU A 53 11.50 7.27 25.05
C GLU A 53 10.36 8.28 25.28
N ARG A 54 9.50 8.41 24.28
CA ARG A 54 8.37 9.32 24.35
C ARG A 54 7.10 8.56 24.04
N TYR A 55 6.07 8.76 24.86
CA TYR A 55 4.79 8.08 24.68
C TYR A 55 3.87 8.91 23.82
N LEU A 56 3.30 8.29 22.80
CA LEU A 56 2.37 8.99 21.93
C LEU A 56 1.00 8.58 22.40
N GLY A 57 0.11 9.55 22.58
CA GLY A 57 -1.22 9.25 23.08
C GLY A 57 -1.02 8.84 24.52
N ALA A 58 -0.06 9.50 25.17
CA ALA A 58 0.31 9.25 26.56
C ALA A 58 -0.78 9.59 27.58
N ARG A 59 -0.89 8.72 28.58
CA ARG A 59 -1.86 8.87 29.66
C ARG A 59 -1.30 9.72 30.80
N GLU A 60 0.03 9.88 30.82
CA GLU A 60 0.68 10.66 31.87
C GLU A 60 1.43 11.91 31.40
N GLU A 61 1.74 12.78 32.37
CA GLU A 61 2.48 14.01 32.11
C GLU A 61 3.93 13.64 31.82
N PRO A 62 4.49 12.67 32.58
CA PRO A 62 5.88 12.26 32.31
C PRO A 62 5.85 11.40 31.05
N SER A 63 5.33 11.99 29.97
CA SER A 63 5.18 11.34 28.68
C SER A 63 6.49 11.27 27.92
N SER A 64 7.58 11.13 28.65
CA SER A 64 8.88 11.07 28.03
C SER A 64 9.98 10.96 29.08
N PHE A 65 10.74 9.87 29.05
CA PHE A 65 11.83 9.69 29.99
C PHE A 65 13.06 9.18 29.25
N ALA A 66 14.24 9.58 29.71
CA ALA A 66 15.48 9.18 29.06
C ALA A 66 16.46 8.50 30.00
N SER A 67 17.33 7.68 29.43
CA SER A 67 18.31 6.96 30.22
C SER A 67 19.65 6.97 29.53
N TYR A 68 20.69 6.60 30.29
CA TYR A 68 22.03 6.55 29.76
C TYR A 68 22.76 5.45 30.46
N GLY A 69 23.99 5.18 30.02
CA GLY A 69 24.79 4.15 30.62
C GLY A 69 25.99 3.96 29.74
N THR A 70 26.66 2.83 29.89
CA THR A 70 27.85 2.54 29.11
C THR A 70 27.50 1.35 28.25
N TRP A 71 28.24 1.14 27.17
CA TRP A 71 27.92 0.01 26.31
C TRP A 71 29.15 -0.76 25.87
N ALA A 72 28.97 -2.07 25.68
CA ALA A 72 30.06 -2.93 25.24
C ALA A 72 29.55 -3.81 24.12
N ARG A 73 30.31 -3.89 23.03
CA ARG A 73 29.87 -4.70 21.91
C ARG A 73 30.84 -5.84 21.68
N THR A 74 30.31 -6.91 21.10
CA THR A 74 31.11 -8.08 20.77
C THR A 74 31.06 -8.14 19.25
N ALA A 75 30.62 -9.26 18.69
CA ALA A 75 30.54 -9.37 17.25
C ALA A 75 29.39 -8.44 16.86
N ASP A 76 28.18 -8.98 16.94
CA ASP A 76 26.98 -8.23 16.65
C ASP A 76 26.30 -7.90 17.97
N LYS A 77 26.42 -8.81 18.94
CA LYS A 77 25.82 -8.60 20.23
C LYS A 77 26.31 -7.27 20.75
N LEU A 78 25.47 -6.64 21.56
CA LEU A 78 25.78 -5.35 22.13
C LEU A 78 25.04 -5.32 23.47
N VAL A 79 25.77 -5.05 24.53
CA VAL A 79 25.22 -5.00 25.89
C VAL A 79 25.26 -3.59 26.46
N LEU A 80 24.11 -3.12 26.93
CA LEU A 80 24.03 -1.78 27.51
C LEU A 80 23.78 -1.88 28.99
N THR A 81 24.61 -1.23 29.78
CA THR A 81 24.44 -1.21 31.24
C THR A 81 24.10 0.23 31.62
N ASP A 82 22.87 0.47 32.07
CA ASP A 82 22.45 1.82 32.43
C ASP A 82 23.08 2.35 33.72
N SER A 83 22.71 3.58 34.07
CA SER A 83 23.27 4.23 35.25
C SER A 83 22.97 3.44 36.52
N LYS A 84 22.08 2.45 36.44
CA LYS A 84 21.74 1.63 37.59
C LYS A 84 22.43 0.27 37.54
N GLY A 85 23.16 -0.01 36.46
CA GLY A 85 23.81 -1.30 36.33
C GLY A 85 22.86 -2.33 35.73
N GLU A 86 21.69 -1.86 35.30
CA GLU A 86 20.69 -2.72 34.69
C GLU A 86 21.16 -3.08 33.29
N LYS A 87 20.80 -4.27 32.81
CA LYS A 87 21.27 -4.69 31.49
C LYS A 87 20.19 -4.91 30.42
N SER A 88 20.56 -4.66 29.17
CA SER A 88 19.68 -4.82 28.03
C SER A 88 20.57 -5.30 26.87
N TYR A 89 19.98 -6.05 25.94
CA TYR A 89 20.78 -6.60 24.88
C TYR A 89 20.29 -6.34 23.48
N TYR A 90 21.22 -6.16 22.56
CA TYR A 90 20.88 -5.91 21.18
C TYR A 90 21.82 -6.62 20.23
N ARG A 91 21.30 -6.95 19.06
CA ARG A 91 22.06 -7.61 18.01
C ARG A 91 21.94 -6.74 16.77
N ALA A 92 23.05 -6.15 16.34
CA ALA A 92 23.04 -5.30 15.16
C ALA A 92 23.16 -6.15 13.90
N LYS A 93 22.19 -6.03 12.99
CA LYS A 93 22.18 -6.78 11.74
C LYS A 93 21.88 -5.81 10.60
N GLY A 94 22.90 -5.09 10.15
CA GLY A 94 22.71 -4.14 9.09
C GLY A 94 22.29 -2.80 9.67
N ASP A 95 21.11 -2.33 9.29
CA ASP A 95 20.63 -1.08 9.84
C ASP A 95 19.66 -1.41 10.96
N ALA A 96 19.49 -2.71 11.21
CA ALA A 96 18.58 -3.19 12.24
C ALA A 96 19.28 -3.47 13.57
N LEU A 97 18.63 -3.08 14.67
CA LEU A 97 19.15 -3.31 16.02
C LEU A 97 18.03 -4.07 16.72
N GLU A 98 18.24 -5.35 17.04
CA GLU A 98 17.22 -6.13 17.70
C GLU A 98 17.31 -6.21 19.21
N MET A 99 16.17 -6.15 19.88
CA MET A 99 16.15 -6.27 21.32
C MET A 99 16.15 -7.76 21.57
N LEU A 100 17.00 -8.23 22.46
CA LEU A 100 17.09 -9.67 22.75
C LEU A 100 17.05 -9.96 24.24
N ASP A 101 16.82 -11.22 24.58
CA ASP A 101 16.85 -11.64 25.98
C ASP A 101 18.37 -11.91 26.18
N ARG A 102 18.86 -12.00 27.41
CA ARG A 102 20.29 -12.24 27.61
C ARG A 102 20.74 -13.53 26.95
N GLU A 103 19.78 -14.36 26.57
CA GLU A 103 20.09 -15.63 25.95
C GLU A 103 20.33 -15.47 24.46
N GLY A 104 20.18 -14.26 23.95
CA GLY A 104 20.40 -14.00 22.53
C GLY A 104 19.17 -14.22 21.66
N ASN A 105 18.03 -14.45 22.28
CA ASN A 105 16.80 -14.65 21.53
C ASN A 105 16.13 -13.29 21.34
N PRO A 106 15.57 -13.02 20.14
CA PRO A 106 14.92 -11.73 19.90
C PRO A 106 13.64 -11.69 20.70
N ILE A 107 13.34 -10.56 21.31
CA ILE A 107 12.10 -10.50 22.06
C ILE A 107 11.08 -10.19 20.99
N GLU A 108 9.84 -10.66 21.17
CA GLU A 108 8.83 -10.39 20.16
C GLU A 108 7.41 -10.52 20.65
N SER A 109 6.49 -9.91 19.90
CA SER A 109 5.08 -9.92 20.26
C SER A 109 4.20 -10.51 19.16
N GLN A 110 3.08 -11.09 19.55
CA GLN A 110 2.16 -11.69 18.59
C GLN A 110 1.16 -10.68 18.10
N PHE A 111 1.10 -10.54 16.78
CA PHE A 111 0.20 -9.60 16.12
C PHE A 111 -1.04 -10.24 15.51
N ASN A 112 -2.17 -9.55 15.58
CA ASN A 112 -3.44 -10.03 15.04
C ASN A 112 -3.93 -9.21 13.86
N TYR A 113 -4.93 -9.74 13.18
CA TYR A 113 -5.53 -9.07 12.04
C TYR A 113 -7.02 -8.99 12.23
N THR A 114 -7.44 -8.10 13.13
CA THR A 114 -8.85 -7.92 13.41
C THR A 114 -9.30 -6.55 12.91
N LEU A 115 -10.50 -6.46 12.35
CA LEU A 115 -11.05 -5.19 11.85
C LEU A 115 -11.86 -4.54 12.96
N GLU A 116 -11.46 -3.33 13.32
CA GLU A 116 -12.14 -2.59 14.39
C GLU A 116 -13.41 -1.91 13.88
N ALA A 117 -14.50 -2.07 14.62
CA ALA A 117 -15.78 -1.47 14.25
C ALA A 117 -15.66 0.03 14.06
N ALA A 118 -15.91 0.50 12.84
CA ALA A 118 -15.82 1.92 12.56
C ALA A 118 -16.97 2.38 11.67
N GLN A 119 -17.07 3.69 11.45
CA GLN A 119 -18.13 4.22 10.60
C GLN A 119 -17.56 5.04 9.44
N SER A 120 -17.38 4.40 8.29
CA SER A 120 -16.86 5.10 7.12
C SER A 120 -17.89 5.00 6.02
N SER A 121 -17.57 5.55 4.85
CA SER A 121 -18.50 5.55 3.73
C SER A 121 -18.16 4.61 2.57
N LEU A 122 -19.21 4.11 1.91
CA LEU A 122 -19.05 3.21 0.77
C LEU A 122 -17.85 3.61 -0.07
N PRO A 123 -16.97 2.64 -0.38
CA PRO A 123 -15.77 2.87 -1.16
C PRO A 123 -16.16 3.32 -2.54
N MET A 124 -15.30 4.10 -3.18
CA MET A 124 -15.60 4.58 -4.53
C MET A 124 -14.76 3.90 -5.57
N THR A 125 -13.81 3.10 -5.10
CA THR A 125 -12.93 2.34 -5.96
C THR A 125 -13.82 1.50 -6.85
N PRO A 126 -13.56 1.50 -8.16
CA PRO A 126 -14.41 0.68 -9.02
C PRO A 126 -14.07 -0.80 -8.89
N MET A 127 -15.08 -1.66 -8.96
CA MET A 127 -14.89 -3.10 -8.88
C MET A 127 -15.66 -3.63 -10.07
N THR A 128 -15.38 -4.85 -10.52
CA THR A 128 -16.11 -5.36 -11.69
C THR A 128 -17.33 -6.17 -11.31
N LEU A 129 -18.41 -5.95 -12.06
CA LEU A 129 -19.66 -6.65 -11.81
C LEU A 129 -20.25 -7.33 -13.03
N ARG A 130 -20.86 -8.47 -12.81
CA ARG A 130 -21.46 -9.24 -13.89
C ARG A 130 -22.91 -9.46 -13.50
N GLY A 131 -23.83 -8.86 -14.23
CA GLY A 131 -25.23 -9.07 -13.88
C GLY A 131 -26.18 -8.84 -15.04
N MET A 132 -27.44 -9.21 -14.82
CA MET A 132 -28.46 -9.03 -15.84
C MET A 132 -29.01 -7.62 -15.73
N TYR A 133 -28.68 -6.80 -16.72
CA TYR A 133 -29.12 -5.40 -16.75
C TYR A 133 -30.53 -5.26 -17.31
N PHE A 134 -31.30 -4.36 -16.72
CA PHE A 134 -32.64 -4.12 -17.21
C PHE A 134 -32.99 -2.64 -17.05
N TYR A 135 -33.40 -2.01 -18.15
CA TYR A 135 -33.78 -0.62 -18.14
C TYR A 135 -35.16 -0.45 -18.73
N MET A 136 -36.01 0.33 -18.06
CA MET A 136 -37.36 0.55 -18.54
C MET A 136 -38.08 1.60 -17.69
N ALA A 137 -38.55 2.65 -18.35
CA ALA A 137 -39.25 3.71 -17.65
C ALA A 137 -38.31 4.43 -16.69
N ASP A 138 -37.22 4.97 -17.23
CA ASP A 138 -36.22 5.70 -16.45
C ASP A 138 -35.66 4.98 -15.22
N ALA A 139 -35.77 3.66 -15.19
CA ALA A 139 -35.24 2.91 -14.05
C ALA A 139 -34.30 1.83 -14.54
N ALA A 140 -33.14 1.72 -13.91
CA ALA A 140 -32.20 0.71 -14.31
C ALA A 140 -31.96 -0.23 -13.16
N THR A 141 -31.97 -1.53 -13.43
CA THR A 141 -31.68 -2.49 -12.38
C THR A 141 -30.66 -3.47 -12.89
N PHE A 142 -29.90 -4.04 -11.96
CA PHE A 142 -28.84 -4.96 -12.30
C PHE A 142 -28.92 -6.14 -11.34
N THR A 143 -29.35 -7.29 -11.87
CA THR A 143 -29.43 -8.49 -11.06
C THR A 143 -28.05 -9.15 -11.11
N ASP A 144 -27.27 -8.87 -10.08
CA ASP A 144 -25.92 -9.36 -9.94
C ASP A 144 -25.86 -10.88 -10.01
N CYS A 145 -25.01 -11.40 -10.90
CA CYS A 145 -24.86 -12.84 -11.05
C CYS A 145 -24.44 -13.46 -9.72
N ALA A 146 -23.23 -13.15 -9.29
CA ALA A 146 -22.65 -13.67 -8.05
C ALA A 146 -23.56 -13.75 -6.84
N THR A 147 -24.12 -12.62 -6.40
CA THR A 147 -24.97 -12.62 -5.23
C THR A 147 -26.44 -12.86 -5.56
N GLY A 148 -26.76 -12.91 -6.84
CA GLY A 148 -28.14 -13.12 -7.23
C GLY A 148 -29.01 -11.95 -6.79
N LYS A 149 -28.41 -11.03 -6.05
CA LYS A 149 -29.10 -9.85 -5.55
C LYS A 149 -29.23 -8.80 -6.65
N ARG A 150 -30.25 -7.95 -6.53
CA ARG A 150 -30.48 -6.94 -7.55
C ARG A 150 -30.48 -5.50 -7.06
N PHE A 151 -29.49 -4.73 -7.49
CA PHE A 151 -29.39 -3.34 -7.08
C PHE A 151 -29.93 -2.45 -8.16
N MET A 152 -30.09 -1.17 -7.81
CA MET A 152 -30.56 -0.17 -8.75
C MET A 152 -29.31 0.42 -9.37
N VAL A 153 -29.40 0.81 -10.63
CA VAL A 153 -28.22 1.37 -11.28
C VAL A 153 -28.44 2.83 -11.62
N ALA A 154 -27.47 3.67 -11.24
CA ALA A 154 -27.55 5.09 -11.52
C ALA A 154 -27.81 5.26 -13.00
N ASN A 155 -28.56 6.29 -13.35
CA ASN A 155 -28.88 6.56 -14.74
C ASN A 155 -27.69 7.00 -15.54
N ASN A 156 -27.50 6.35 -16.69
CA ASN A 156 -26.41 6.68 -17.60
C ASN A 156 -27.00 6.67 -18.97
N ALA A 157 -26.98 7.81 -19.64
CA ALA A 157 -27.56 7.88 -20.98
C ALA A 157 -26.95 6.83 -21.88
N GLU A 158 -25.65 6.93 -22.11
CA GLU A 158 -24.93 6.00 -22.98
C GLU A 158 -25.24 4.55 -22.70
N LEU A 159 -25.01 4.13 -21.46
CA LEU A 159 -25.25 2.74 -21.05
C LEU A 159 -26.64 2.26 -21.45
N GLU A 160 -27.64 3.08 -21.17
CA GLU A 160 -29.03 2.74 -21.48
C GLU A 160 -29.25 2.59 -22.97
N ARG A 161 -28.61 3.44 -23.75
CA ARG A 161 -28.74 3.35 -25.20
C ARG A 161 -28.20 1.96 -25.51
N SER A 162 -26.92 1.74 -25.21
CA SER A 162 -26.23 0.48 -25.43
C SER A 162 -27.09 -0.73 -25.06
N TYR A 163 -27.66 -0.71 -23.87
CA TYR A 163 -28.51 -1.82 -23.44
C TYR A 163 -29.58 -2.09 -24.49
N LEU A 164 -30.24 -1.03 -24.92
CA LEU A 164 -31.31 -1.13 -25.90
C LEU A 164 -30.83 -1.76 -27.20
N ALA A 165 -29.71 -1.26 -27.71
CA ALA A 165 -29.12 -1.76 -28.95
C ALA A 165 -28.80 -3.26 -28.88
N ALA A 166 -28.44 -3.73 -27.69
CA ALA A 166 -28.10 -5.13 -27.53
C ALA A 166 -29.33 -6.02 -27.40
N ARG A 167 -30.21 -5.69 -26.48
CA ARG A 167 -31.40 -6.49 -26.26
C ARG A 167 -32.24 -6.73 -27.52
N GLY A 168 -31.80 -6.19 -28.65
CA GLY A 168 -32.53 -6.35 -29.89
C GLY A 168 -33.93 -5.78 -29.83
N HIS A 169 -34.94 -6.62 -30.01
CA HIS A 169 -36.32 -6.16 -29.96
C HIS A 169 -37.10 -6.99 -28.95
N SER A 170 -37.11 -6.52 -27.71
CA SER A 170 -37.83 -7.21 -26.63
C SER A 170 -37.58 -6.56 -25.26
N GLU A 171 -38.35 -7.00 -24.27
CA GLU A 171 -38.19 -6.51 -22.91
C GLU A 171 -37.33 -7.52 -22.17
N LYS A 172 -36.16 -7.82 -22.73
CA LYS A 172 -35.31 -8.81 -22.11
C LYS A 172 -34.05 -8.20 -21.50
N PRO A 173 -33.78 -8.54 -20.22
CA PRO A 173 -32.58 -8.00 -19.59
C PRO A 173 -31.33 -8.64 -20.22
N VAL A 174 -30.35 -7.81 -20.61
CA VAL A 174 -29.13 -8.32 -21.22
C VAL A 174 -28.02 -8.44 -20.18
N LEU A 175 -27.25 -9.51 -20.25
CA LEU A 175 -26.14 -9.70 -19.33
C LEU A 175 -25.25 -8.48 -19.51
N LEU A 176 -24.59 -8.05 -18.45
CA LEU A 176 -23.73 -6.88 -18.56
C LEU A 176 -22.55 -7.02 -17.63
N SER A 177 -21.39 -6.61 -18.11
CA SER A 177 -20.16 -6.66 -17.34
C SER A 177 -19.64 -5.24 -17.27
N VAL A 178 -19.67 -4.64 -16.09
CA VAL A 178 -19.21 -3.27 -15.95
C VAL A 178 -18.47 -3.03 -14.65
N GLU A 179 -17.69 -1.97 -14.61
CA GLU A 179 -16.98 -1.61 -13.40
C GLU A 179 -17.89 -0.60 -12.71
N GLY A 180 -17.98 -0.66 -11.39
CA GLY A 180 -18.84 0.28 -10.69
C GLY A 180 -18.59 0.32 -9.20
N HIS A 181 -19.34 1.15 -8.50
CA HIS A 181 -19.20 1.25 -7.05
C HIS A 181 -20.51 1.70 -6.46
N PHE A 182 -20.76 1.34 -5.21
CA PHE A 182 -21.99 1.74 -4.57
C PHE A 182 -21.88 3.15 -4.02
N THR A 183 -23.01 3.84 -3.98
CA THR A 183 -23.05 5.20 -3.49
C THR A 183 -24.47 5.49 -3.02
N LEU A 184 -24.65 6.53 -2.21
CA LEU A 184 -25.98 6.88 -1.72
C LEU A 184 -26.67 7.81 -2.66
N GLU A 185 -27.85 7.42 -3.08
CA GLU A 185 -28.66 8.18 -3.99
C GLU A 185 -29.66 9.00 -3.19
N GLY A 186 -30.66 8.33 -2.62
CA GLY A 186 -31.65 9.04 -1.83
C GLY A 186 -33.05 8.46 -1.85
N ASN A 187 -33.77 8.68 -2.95
CA ASN A 187 -35.15 8.19 -3.13
C ASN A 187 -35.72 8.74 -4.45
N PRO A 188 -35.36 8.10 -5.59
CA PRO A 188 -35.81 8.49 -6.93
C PRO A 188 -37.24 9.01 -7.07
N PRO A 193 -31.69 8.05 2.07
CA PRO A 193 -30.69 7.73 1.02
C PRO A 193 -30.70 6.21 0.77
N THR A 194 -30.59 5.83 -0.51
CA THR A 194 -30.61 4.42 -0.88
C THR A 194 -29.37 4.00 -1.69
N LYS A 195 -28.84 2.83 -1.36
CA LYS A 195 -27.67 2.27 -2.03
C LYS A 195 -27.97 2.11 -3.52
N VAL A 196 -27.09 2.63 -4.37
CA VAL A 196 -27.28 2.51 -5.80
C VAL A 196 -25.94 2.17 -6.46
N LEU A 197 -25.97 1.39 -7.54
CA LEU A 197 -24.73 1.09 -8.23
C LEU A 197 -24.44 2.19 -9.23
N ALA A 198 -23.25 2.75 -9.16
CA ALA A 198 -22.83 3.81 -10.06
C ALA A 198 -21.63 3.34 -10.87
N PRO A 199 -21.78 3.29 -12.21
CA PRO A 199 -20.78 2.85 -13.20
C PRO A 199 -19.50 3.70 -13.27
N ASP A 200 -18.35 3.07 -13.55
CA ASP A 200 -17.09 3.81 -13.67
C ASP A 200 -16.47 3.58 -15.03
N THR A 201 -17.12 2.75 -15.84
CA THR A 201 -16.65 2.45 -17.19
C THR A 201 -17.89 2.19 -18.04
N ALA A 202 -17.75 2.25 -19.36
CA ALA A 202 -18.86 2.00 -20.26
C ALA A 202 -19.30 0.56 -20.15
N GLY A 203 -20.41 0.22 -20.80
CA GLY A 203 -20.86 -1.14 -20.71
C GLY A 203 -20.04 -2.16 -21.47
N LYS A 204 -20.66 -3.32 -21.65
CA LYS A 204 -20.09 -4.46 -22.36
C LYS A 204 -21.21 -5.50 -22.29
N PHE A 205 -22.21 -5.33 -23.15
CA PHE A 205 -23.35 -6.24 -23.14
C PHE A 205 -23.20 -7.53 -23.94
N TYR A 206 -23.70 -8.62 -23.37
CA TYR A 206 -23.66 -9.94 -23.99
C TYR A 206 -25.10 -10.46 -24.06
N PRO A 207 -25.81 -10.12 -25.15
CA PRO A 207 -27.20 -10.48 -25.44
C PRO A 207 -27.57 -11.95 -25.52
N ASN A 208 -26.69 -12.76 -26.09
CA ASN A 208 -26.96 -14.18 -26.25
C ASN A 208 -26.98 -14.98 -24.95
N GLN A 209 -25.90 -14.92 -24.17
CA GLN A 209 -25.85 -15.68 -22.94
C GLN A 209 -26.32 -14.93 -21.70
N ASP A 210 -26.45 -15.67 -20.60
CA ASP A 210 -26.87 -15.12 -19.32
C ASP A 210 -25.77 -15.49 -18.34
N CYS A 211 -26.03 -15.35 -17.04
CA CYS A 211 -25.03 -15.65 -16.03
C CYS A 211 -24.42 -17.05 -16.21
N SER A 212 -25.27 -18.07 -16.16
CA SER A 212 -24.83 -19.45 -16.31
C SER A 212 -24.07 -19.61 -17.61
N SER A 213 -22.75 -19.55 -17.55
CA SER A 213 -21.91 -19.72 -18.75
C SER A 213 -20.50 -19.15 -18.57
N LEU A 214 -19.79 -19.61 -17.55
CA LEU A 214 -18.42 -19.16 -17.27
C LEU A 214 -17.41 -19.79 -18.24
N MET B 21 -25.17 -6.47 14.96
CA MET B 21 -23.83 -6.48 14.30
C MET B 21 -23.68 -5.31 13.31
N PRO B 22 -22.87 -4.29 13.66
CA PRO B 22 -22.65 -3.11 12.79
C PRO B 22 -22.18 -3.47 11.38
N GLN B 23 -22.31 -2.55 10.44
CA GLN B 23 -21.93 -2.86 9.07
C GLN B 23 -20.76 -2.07 8.50
N SER B 24 -19.98 -1.42 9.36
CA SER B 24 -18.85 -0.65 8.88
C SER B 24 -17.63 -0.99 9.73
N TRP B 25 -16.58 -1.51 9.09
CA TRP B 25 -15.38 -1.87 9.83
C TRP B 25 -14.13 -1.46 9.08
N ARG B 26 -13.08 -1.19 9.83
CA ARG B 26 -11.81 -0.78 9.24
C ARG B 26 -10.69 -1.45 9.99
N GLY B 27 -9.67 -1.87 9.26
CA GLY B 27 -8.55 -2.54 9.89
C GLY B 27 -7.50 -2.95 8.90
N VAL B 28 -6.44 -3.55 9.41
CA VAL B 28 -5.33 -3.99 8.56
C VAL B 28 -5.31 -5.49 8.47
N LEU B 29 -5.35 -6.01 7.25
CA LEU B 29 -5.30 -7.45 7.03
C LEU B 29 -3.87 -7.77 6.58
N PRO B 30 -3.47 -9.04 6.65
CA PRO B 30 -2.13 -9.48 6.24
C PRO B 30 -1.75 -9.30 4.79
N CYS B 31 -0.49 -8.93 4.57
CA CYS B 31 0.07 -8.70 3.25
C CYS B 31 1.32 -9.53 3.14
N ALA B 32 1.41 -10.37 2.10
CA ALA B 32 2.60 -11.19 1.93
C ALA B 32 3.82 -10.30 1.69
N ASP B 33 3.75 -9.47 0.67
CA ASP B 33 4.88 -8.61 0.32
C ASP B 33 4.79 -7.16 0.79
N CYS B 34 4.20 -6.91 1.95
CA CYS B 34 4.13 -5.54 2.46
C CYS B 34 3.72 -5.35 3.91
N GLU B 35 3.63 -4.09 4.31
CA GLU B 35 3.28 -3.70 5.68
C GLU B 35 1.82 -4.03 6.05
N GLY B 36 1.03 -4.43 5.06
CA GLY B 36 -0.35 -4.79 5.32
C GLY B 36 -1.34 -4.31 4.29
N ILE B 37 -2.62 -4.47 4.60
CA ILE B 37 -3.69 -4.01 3.71
C ILE B 37 -4.78 -3.21 4.43
N GLU B 38 -4.86 -1.92 4.14
CA GLU B 38 -5.86 -1.04 4.74
C GLU B 38 -7.22 -1.53 4.24
N THR B 39 -7.98 -2.14 5.13
CA THR B 39 -9.28 -2.68 4.75
C THR B 39 -10.51 -2.01 5.36
N SER B 40 -11.59 -1.97 4.59
CA SER B 40 -12.87 -1.43 5.04
C SER B 40 -13.94 -2.41 4.66
N LEU B 41 -14.57 -3.02 5.66
CA LEU B 41 -15.64 -3.97 5.38
C LEU B 41 -16.98 -3.28 5.54
N PHE B 42 -17.90 -3.64 4.68
CA PHE B 42 -19.25 -3.10 4.69
C PHE B 42 -20.24 -4.24 4.54
N LEU B 43 -20.85 -4.63 5.66
CA LEU B 43 -21.81 -5.71 5.68
C LEU B 43 -23.23 -5.19 5.49
N GLU B 44 -23.67 -5.15 4.24
CA GLU B 44 -25.00 -4.66 3.91
C GLU B 44 -26.09 -5.53 4.54
N LYS B 45 -27.22 -4.91 4.80
CA LYS B 45 -28.33 -5.63 5.42
C LYS B 45 -28.97 -6.56 4.39
N ASP B 46 -28.85 -6.20 3.12
CA ASP B 46 -29.41 -7.02 2.06
C ASP B 46 -28.63 -8.34 1.92
N GLY B 47 -27.84 -8.67 2.94
CA GLY B 47 -27.06 -9.90 2.94
C GLY B 47 -25.73 -9.87 2.21
N THR B 48 -25.42 -8.76 1.55
CA THR B 48 -24.18 -8.66 0.81
C THR B 48 -23.17 -7.78 1.53
N TRP B 49 -21.98 -7.65 0.95
CA TRP B 49 -20.92 -6.83 1.52
C TRP B 49 -19.96 -6.28 0.47
N VAL B 50 -19.41 -5.12 0.79
CA VAL B 50 -18.46 -4.47 -0.09
C VAL B 50 -17.22 -4.23 0.74
N MET B 51 -16.06 -4.41 0.12
CA MET B 51 -14.82 -4.21 0.84
C MET B 51 -13.87 -3.40 0.00
N ASN B 52 -13.09 -2.56 0.66
CA ASN B 52 -12.13 -1.72 -0.03
C ASN B 52 -10.79 -1.99 0.57
N GLU B 53 -9.82 -2.34 -0.28
CA GLU B 53 -8.45 -2.63 0.15
C GLU B 53 -7.35 -1.85 -0.53
N ARG B 54 -6.40 -1.39 0.28
CA ARG B 54 -5.27 -0.61 -0.20
C ARG B 54 -3.97 -1.20 0.34
N TYR B 55 -3.06 -1.57 -0.56
CA TYR B 55 -1.80 -2.15 -0.12
C TYR B 55 -0.95 -1.07 0.51
N LEU B 56 -0.29 -1.39 1.62
CA LEU B 56 0.56 -0.41 2.31
C LEU B 56 2.05 -0.62 2.06
N GLY B 57 2.63 0.23 1.22
CA GLY B 57 4.04 0.10 0.93
C GLY B 57 4.34 -1.23 0.26
N ALA B 58 3.91 -1.35 -1.00
CA ALA B 58 4.13 -2.57 -1.77
C ALA B 58 4.41 -2.26 -3.25
N ARG B 59 4.68 -3.28 -4.05
CA ARG B 59 4.97 -3.04 -5.46
C ARG B 59 3.75 -3.21 -6.36
N GLU B 60 2.61 -3.60 -5.78
CA GLU B 60 1.38 -3.79 -6.56
C GLU B 60 0.87 -2.48 -7.17
N GLU B 61 1.15 -2.25 -8.45
CA GLU B 61 0.72 -1.01 -9.15
C GLU B 61 -0.65 -0.55 -8.66
N PRO B 62 -1.76 -1.21 -9.10
CA PRO B 62 -3.03 -0.69 -8.57
C PRO B 62 -3.00 -0.95 -7.06
N SER B 63 -2.66 0.08 -6.32
CA SER B 63 -2.57 -0.01 -4.86
C SER B 63 -3.90 -0.35 -4.23
N SER B 64 -4.98 0.15 -4.83
CA SER B 64 -6.32 -0.06 -4.31
C SER B 64 -7.17 -0.97 -5.18
N PHE B 65 -8.08 -1.69 -4.53
CA PHE B 65 -8.98 -2.59 -5.24
C PHE B 65 -10.13 -2.94 -4.28
N ALA B 66 -11.30 -3.23 -4.85
CA ALA B 66 -12.46 -3.54 -4.01
C ALA B 66 -13.08 -4.90 -4.35
N SER B 67 -13.81 -5.45 -3.39
CA SER B 67 -14.45 -6.74 -3.57
C SER B 67 -15.84 -6.73 -2.97
N TYR B 68 -16.71 -7.59 -3.48
CA TYR B 68 -18.07 -7.71 -2.97
C TYR B 68 -18.52 -9.16 -3.00
N GLY B 69 -19.48 -9.47 -2.14
CA GLY B 69 -20.00 -10.83 -2.09
C GLY B 69 -21.21 -10.94 -1.18
N THR B 70 -21.30 -12.05 -0.49
CA THR B 70 -22.40 -12.33 0.43
C THR B 70 -21.82 -12.93 1.68
N TRP B 71 -22.34 -12.50 2.84
CA TRP B 71 -21.87 -12.99 4.13
C TRP B 71 -22.92 -13.81 4.84
N ALA B 72 -22.49 -14.60 5.81
CA ALA B 72 -23.38 -15.44 6.58
C ALA B 72 -22.69 -15.74 7.91
N ARG B 73 -23.40 -15.52 9.01
CA ARG B 73 -22.79 -15.76 10.31
C ARG B 73 -23.27 -16.99 11.09
N THR B 74 -22.30 -17.78 11.54
CA THR B 74 -22.55 -18.96 12.35
C THR B 74 -22.96 -18.37 13.70
N ALA B 75 -22.18 -18.66 14.74
CA ALA B 75 -22.47 -18.15 16.08
C ALA B 75 -21.70 -16.84 16.22
N ASP B 76 -20.40 -16.98 16.49
CA ASP B 76 -19.53 -15.83 16.60
C ASP B 76 -18.61 -15.87 15.41
N LYS B 77 -19.02 -16.59 14.36
CA LYS B 77 -18.21 -16.68 13.14
C LYS B 77 -18.92 -16.01 11.97
N LEU B 78 -18.19 -15.18 11.22
CA LEU B 78 -18.73 -14.47 10.07
C LEU B 78 -17.99 -14.96 8.82
N VAL B 79 -18.70 -15.56 7.88
CA VAL B 79 -18.03 -16.03 6.67
C VAL B 79 -18.27 -15.03 5.56
N LEU B 80 -17.22 -14.78 4.76
CA LEU B 80 -17.32 -13.84 3.66
C LEU B 80 -17.05 -14.50 2.31
N THR B 81 -18.06 -14.60 1.47
CA THR B 81 -17.86 -15.19 0.15
C THR B 81 -17.94 -14.06 -0.87
N ASP B 82 -16.86 -13.88 -1.64
CA ASP B 82 -16.87 -12.82 -2.64
C ASP B 82 -17.33 -13.33 -4.00
N SER B 83 -17.33 -12.44 -4.96
CA SER B 83 -17.77 -12.73 -6.32
C SER B 83 -17.04 -13.85 -7.07
N LYS B 84 -15.82 -14.17 -6.67
CA LYS B 84 -15.05 -15.21 -7.33
C LYS B 84 -15.19 -16.55 -6.60
N GLY B 85 -16.00 -16.57 -5.55
CA GLY B 85 -16.20 -17.79 -4.78
C GLY B 85 -15.32 -17.94 -3.55
N GLU B 86 -14.31 -17.10 -3.41
CA GLU B 86 -13.40 -17.16 -2.26
C GLU B 86 -14.11 -17.01 -0.91
N LYS B 87 -13.48 -17.51 0.14
CA LYS B 87 -14.07 -17.43 1.47
C LYS B 87 -13.10 -16.81 2.47
N SER B 88 -13.66 -16.02 3.38
CA SER B 88 -12.89 -15.34 4.42
C SER B 88 -13.60 -15.67 5.71
N TYR B 89 -12.85 -15.73 6.82
CA TYR B 89 -13.45 -16.05 8.11
C TYR B 89 -13.02 -15.06 9.18
N TYR B 90 -13.98 -14.57 9.96
CA TYR B 90 -13.72 -13.58 11.00
C TYR B 90 -14.48 -13.84 12.28
N ARG B 91 -13.78 -14.21 13.34
CA ARG B 91 -14.42 -14.45 14.62
C ARG B 91 -15.00 -13.13 15.10
N ALA B 92 -16.32 -13.09 15.25
CA ALA B 92 -17.02 -11.91 15.71
C ALA B 92 -16.87 -11.87 17.21
N LYS B 93 -16.40 -10.76 17.73
CA LYS B 93 -16.23 -10.66 19.18
C LYS B 93 -16.29 -9.20 19.53
N GLY B 94 -17.46 -8.74 19.97
CA GLY B 94 -17.60 -7.34 20.30
C GLY B 94 -17.51 -6.52 19.03
N ASP B 95 -17.04 -5.28 19.15
CA ASP B 95 -16.92 -4.41 17.99
C ASP B 95 -15.70 -4.72 17.13
N ALA B 96 -15.46 -5.98 16.87
CA ALA B 96 -14.32 -6.37 16.07
C ALA B 96 -14.51 -7.68 15.35
N LEU B 97 -14.08 -7.70 14.10
CA LEU B 97 -14.13 -8.90 13.30
C LEU B 97 -12.69 -9.31 13.16
N GLU B 98 -12.28 -10.36 13.86
CA GLU B 98 -10.91 -10.83 13.80
C GLU B 98 -10.71 -11.95 12.80
N MET B 99 -9.92 -11.69 11.78
CA MET B 99 -9.66 -12.68 10.76
C MET B 99 -9.22 -14.04 11.34
N LEU B 100 -9.59 -15.11 10.64
CA LEU B 100 -9.26 -16.47 11.05
C LEU B 100 -8.78 -17.23 9.82
N ASP B 101 -8.31 -18.45 10.00
CA ASP B 101 -7.86 -19.25 8.88
C ASP B 101 -8.95 -20.27 8.58
N ARG B 102 -8.71 -21.08 7.56
CA ARG B 102 -9.68 -22.10 7.16
C ARG B 102 -10.08 -22.93 8.39
N GLU B 103 -9.09 -23.30 9.19
CA GLU B 103 -9.32 -24.11 10.39
C GLU B 103 -10.05 -23.34 11.50
N GLY B 104 -10.51 -22.14 11.18
CA GLY B 104 -11.22 -21.34 12.17
C GLY B 104 -10.35 -20.85 13.32
N ASN B 105 -9.03 -20.84 13.11
CA ASN B 105 -8.09 -20.39 14.13
C ASN B 105 -7.55 -18.99 13.80
N PRO B 106 -7.68 -18.03 14.74
CA PRO B 106 -7.20 -16.67 14.52
C PRO B 106 -5.84 -16.61 13.88
N ILE B 107 -5.75 -15.90 12.77
CA ILE B 107 -4.48 -15.76 12.08
C ILE B 107 -3.72 -14.64 12.74
N GLU B 108 -2.41 -14.83 12.91
CA GLU B 108 -1.60 -13.81 13.56
C GLU B 108 -0.11 -13.95 13.25
N SER B 109 0.61 -12.82 13.39
CA SER B 109 2.03 -12.79 13.10
C SER B 109 2.92 -12.43 14.28
N GLN B 110 4.22 -12.39 14.00
CA GLN B 110 5.20 -12.11 15.01
C GLN B 110 6.00 -10.85 14.70
N PHE B 111 5.98 -9.93 15.64
CA PHE B 111 6.68 -8.67 15.50
C PHE B 111 7.85 -8.57 16.48
N ASN B 112 9.07 -8.49 15.96
CA ASN B 112 10.21 -8.38 16.83
C ASN B 112 10.42 -6.93 17.15
N TYR B 113 10.77 -6.67 18.41
CA TYR B 113 11.04 -5.31 18.84
C TYR B 113 12.40 -4.97 18.28
N THR B 114 12.45 -4.01 17.36
CA THR B 114 13.71 -3.64 16.76
C THR B 114 13.72 -2.19 16.31
N LEU B 115 14.81 -1.47 16.59
CA LEU B 115 14.92 -0.08 16.17
C LEU B 115 15.64 -0.04 14.82
N GLU B 116 15.74 1.14 14.21
CA GLU B 116 16.41 1.24 12.92
C GLU B 116 17.48 2.32 12.83
N ALA B 117 18.57 2.00 12.14
CA ALA B 117 19.70 2.90 11.99
C ALA B 117 19.34 4.19 11.32
N ALA B 118 19.72 5.30 11.96
CA ALA B 118 19.45 6.61 11.40
C ALA B 118 20.71 7.08 10.68
N GLN B 119 20.85 6.72 9.41
CA GLN B 119 22.01 7.12 8.60
C GLN B 119 21.72 8.26 7.62
N SER B 120 22.50 9.33 7.69
CA SER B 120 22.29 10.49 6.82
C SER B 120 22.73 10.20 5.39
N SER B 121 21.79 9.66 4.60
CA SER B 121 22.04 9.33 3.22
C SER B 121 20.78 8.71 2.61
N LEU B 122 20.47 9.12 1.39
CA LEU B 122 19.32 8.60 0.71
C LEU B 122 19.50 7.09 0.47
N PRO B 123 18.39 6.35 0.30
CA PRO B 123 18.49 4.92 0.06
C PRO B 123 19.35 4.56 -1.15
N MET B 124 20.12 3.50 -1.00
CA MET B 124 20.96 3.02 -2.06
C MET B 124 20.15 2.11 -2.99
N THR B 125 18.94 1.77 -2.58
CA THR B 125 18.10 0.88 -3.38
C THR B 125 17.66 1.48 -4.72
N PRO B 126 17.95 0.75 -5.80
CA PRO B 126 17.62 1.14 -7.17
C PRO B 126 16.13 1.13 -7.47
N MET B 127 15.71 2.06 -8.30
CA MET B 127 14.33 2.18 -8.70
C MET B 127 14.37 2.38 -10.21
N THR B 128 13.32 1.92 -10.90
CA THR B 128 13.28 2.08 -12.34
C THR B 128 12.70 3.41 -12.75
N LEU B 129 13.47 4.21 -13.46
CA LEU B 129 12.97 5.50 -13.91
C LEU B 129 13.19 5.64 -15.41
N ARG B 130 12.25 6.35 -16.05
CA ARG B 130 12.35 6.62 -17.47
C ARG B 130 12.04 8.11 -17.59
N GLY B 131 12.84 8.82 -18.40
CA GLY B 131 12.63 10.24 -18.57
C GLY B 131 13.49 10.89 -19.64
N MET B 132 13.48 12.22 -19.69
CA MET B 132 14.26 12.94 -20.69
C MET B 132 15.65 13.31 -20.17
N TYR B 133 16.62 12.53 -20.63
CA TYR B 133 18.03 12.67 -20.29
C TYR B 133 18.67 13.76 -21.15
N PHE B 134 19.39 14.68 -20.52
CA PHE B 134 20.05 15.75 -21.27
C PHE B 134 21.45 16.03 -20.70
N TYR B 135 22.44 16.15 -21.58
CA TYR B 135 23.82 16.40 -21.17
C TYR B 135 24.49 17.54 -21.94
N MET B 136 24.91 18.56 -21.21
CA MET B 136 25.57 19.70 -21.83
C MET B 136 26.36 20.48 -20.78
N ALA B 137 27.62 20.78 -21.11
CA ALA B 137 28.50 21.51 -20.21
C ALA B 137 28.92 20.58 -19.09
N ASP B 138 29.23 19.34 -19.46
CA ASP B 138 29.65 18.31 -18.50
C ASP B 138 28.69 18.24 -17.34
N ALA B 139 27.42 18.56 -17.62
CA ALA B 139 26.37 18.55 -16.61
C ALA B 139 25.16 17.78 -17.15
N ALA B 140 24.85 16.64 -16.54
CA ALA B 140 23.73 15.80 -16.94
C ALA B 140 22.45 16.06 -16.13
N THR B 141 21.30 15.86 -16.76
CA THR B 141 20.01 16.05 -16.07
C THR B 141 19.00 15.04 -16.54
N PHE B 142 17.99 14.85 -15.70
CA PHE B 142 16.95 13.89 -15.97
C PHE B 142 15.60 14.49 -15.62
N THR B 143 14.61 14.28 -16.48
CA THR B 143 13.26 14.76 -16.24
C THR B 143 12.41 13.52 -16.19
N ASP B 144 11.74 13.31 -15.06
CA ASP B 144 10.93 12.12 -14.88
C ASP B 144 9.62 12.18 -15.65
N CYS B 145 9.33 11.10 -16.38
CA CYS B 145 8.09 11.03 -17.15
C CYS B 145 6.92 10.88 -16.18
N ALA B 146 7.19 10.30 -15.01
CA ALA B 146 6.16 10.10 -14.01
C ALA B 146 5.93 11.35 -13.19
N THR B 147 6.93 11.76 -12.42
CA THR B 147 6.76 12.95 -11.59
C THR B 147 7.00 14.21 -12.39
N GLY B 148 7.55 14.04 -13.58
CA GLY B 148 7.84 15.20 -14.39
C GLY B 148 8.85 16.10 -13.70
N LYS B 149 9.36 15.69 -12.55
CA LYS B 149 10.37 16.49 -11.85
C LYS B 149 11.69 16.28 -12.58
N ARG B 150 12.63 17.21 -12.40
CA ARG B 150 13.92 17.11 -13.08
C ARG B 150 15.11 17.06 -12.13
N PHE B 151 15.81 15.93 -12.16
CA PHE B 151 16.96 15.70 -11.30
C PHE B 151 18.29 15.82 -12.02
N MET B 152 19.36 15.91 -11.23
CA MET B 152 20.70 15.98 -11.77
C MET B 152 21.16 14.55 -11.82
N VAL B 153 21.82 14.16 -12.89
CA VAL B 153 22.29 12.79 -12.95
C VAL B 153 23.79 12.80 -12.72
N ALA B 154 24.24 11.90 -11.85
CA ALA B 154 25.65 11.80 -11.56
C ALA B 154 26.36 11.65 -12.89
N ASN B 155 27.54 12.26 -12.98
CA ASN B 155 28.33 12.18 -14.21
C ASN B 155 28.80 10.76 -14.37
N ASN B 156 28.56 10.23 -15.56
CA ASN B 156 28.97 8.88 -15.87
C ASN B 156 29.32 8.87 -17.35
N ALA B 157 30.60 8.76 -17.65
CA ALA B 157 31.08 8.77 -19.02
C ALA B 157 30.32 7.83 -19.95
N GLU B 158 30.25 6.55 -19.60
CA GLU B 158 29.56 5.58 -20.45
C GLU B 158 28.18 6.09 -20.84
N LEU B 159 27.34 6.33 -19.84
CA LEU B 159 25.99 6.82 -20.05
C LEU B 159 25.96 7.99 -21.03
N GLU B 160 26.72 9.05 -20.73
CA GLU B 160 26.76 10.23 -21.59
C GLU B 160 27.15 9.96 -23.02
N ARG B 161 28.03 8.98 -23.24
CA ARG B 161 28.43 8.63 -24.59
C ARG B 161 27.15 8.18 -25.28
N SER B 162 26.54 7.13 -24.74
CA SER B 162 25.31 6.59 -25.30
C SER B 162 24.31 7.71 -25.59
N TYR B 163 24.15 8.65 -24.67
CA TYR B 163 23.22 9.76 -24.86
C TYR B 163 23.57 10.55 -26.10
N LEU B 164 24.86 10.87 -26.24
CA LEU B 164 25.35 11.63 -27.38
C LEU B 164 25.23 10.84 -28.67
N ALA B 165 25.25 9.52 -28.56
CA ALA B 165 25.11 8.68 -29.75
C ALA B 165 23.64 8.81 -30.19
N ALA B 166 22.72 8.43 -29.30
CA ALA B 166 21.30 8.50 -29.59
C ALA B 166 20.88 9.81 -30.27
N ARG B 167 20.94 10.93 -29.55
CA ARG B 167 20.56 12.21 -30.14
C ARG B 167 21.47 12.52 -31.31
N GLY B 168 20.90 12.97 -32.42
CA GLY B 168 21.72 13.27 -33.60
C GLY B 168 22.82 14.26 -33.35
N HIS B 169 22.58 15.50 -33.77
CA HIS B 169 23.54 16.59 -33.59
C HIS B 169 22.81 17.63 -32.76
N SER B 170 21.50 17.62 -32.89
CA SER B 170 20.68 18.57 -32.16
C SER B 170 20.85 18.44 -30.67
N GLU B 171 20.90 19.58 -30.00
CA GLU B 171 21.04 19.62 -28.56
C GLU B 171 19.67 19.52 -27.93
N LYS B 172 19.06 18.36 -28.07
CA LYS B 172 17.75 18.10 -27.50
C LYS B 172 17.83 16.85 -26.64
N PRO B 173 17.08 16.84 -25.51
CA PRO B 173 17.08 15.68 -24.62
C PRO B 173 16.56 14.41 -25.30
N VAL B 174 16.85 13.26 -24.70
CA VAL B 174 16.42 11.98 -25.27
C VAL B 174 15.83 11.06 -24.19
N LEU B 175 14.85 10.24 -24.59
CA LEU B 175 14.21 9.30 -23.68
C LEU B 175 15.17 8.24 -23.14
N LEU B 176 15.17 8.05 -21.83
CA LEU B 176 16.05 7.06 -21.20
C LEU B 176 15.40 6.22 -20.10
N SER B 177 15.64 4.91 -20.18
CA SER B 177 15.16 3.95 -19.20
C SER B 177 16.36 3.47 -18.38
N VAL B 178 16.33 3.69 -17.07
CA VAL B 178 17.47 3.26 -16.26
C VAL B 178 17.15 3.14 -14.80
N GLU B 179 17.70 2.12 -14.15
CA GLU B 179 17.51 1.91 -12.73
C GLU B 179 18.46 2.87 -12.05
N GLY B 180 18.01 3.55 -11.01
CA GLY B 180 18.90 4.47 -10.33
C GLY B 180 18.45 4.76 -8.92
N HIS B 181 19.24 5.54 -8.19
CA HIS B 181 18.90 5.90 -6.83
C HIS B 181 19.47 7.28 -6.55
N PHE B 182 18.95 7.94 -5.53
CA PHE B 182 19.43 9.27 -5.22
C PHE B 182 20.61 9.16 -4.32
N THR B 183 21.43 10.19 -4.29
CA THR B 183 22.62 10.18 -3.47
C THR B 183 23.34 11.51 -3.64
N LEU B 184 24.50 11.65 -2.99
CA LEU B 184 25.30 12.86 -3.08
C LEU B 184 26.59 12.65 -3.83
N GLU B 185 26.79 13.45 -4.87
CA GLU B 185 27.97 13.40 -5.69
C GLU B 185 28.29 14.84 -6.04
N GLY B 186 29.56 15.09 -6.34
CA GLY B 186 29.99 16.44 -6.66
C GLY B 186 29.23 17.12 -7.78
N ASN B 187 29.14 18.43 -7.69
CA ASN B 187 28.48 19.24 -8.71
C ASN B 187 29.38 19.24 -9.96
N PRO B 188 28.77 19.18 -11.16
CA PRO B 188 29.59 19.18 -12.39
C PRO B 188 30.39 20.47 -12.57
N ASP B 189 30.06 21.49 -11.78
CA ASP B 189 30.75 22.78 -11.86
C ASP B 189 31.46 23.12 -10.55
N THR B 190 30.70 23.07 -9.45
CA THR B 190 31.24 23.38 -8.12
C THR B 190 32.04 22.22 -7.55
N GLY B 191 31.49 21.01 -7.63
CA GLY B 191 32.17 19.86 -7.09
C GLY B 191 31.61 19.51 -5.71
N ALA B 192 30.82 20.43 -5.15
CA ALA B 192 30.21 20.25 -3.84
C ALA B 192 29.08 19.23 -3.99
N PRO B 193 29.04 18.23 -3.09
CA PRO B 193 27.99 17.22 -3.18
C PRO B 193 26.59 17.81 -3.12
N THR B 194 25.71 17.31 -3.98
CA THR B 194 24.32 17.76 -4.03
C THR B 194 23.45 16.52 -4.27
N LYS B 195 22.13 16.68 -4.28
CA LYS B 195 21.29 15.50 -4.52
C LYS B 195 21.28 15.20 -6.02
N VAL B 196 21.65 13.98 -6.36
CA VAL B 196 21.70 13.61 -7.77
C VAL B 196 21.22 12.19 -7.97
N LEU B 197 20.67 11.92 -9.14
CA LEU B 197 20.24 10.58 -9.46
C LEU B 197 21.54 9.88 -9.84
N ALA B 198 21.68 8.62 -9.48
CA ALA B 198 22.88 7.89 -9.78
C ALA B 198 22.51 6.59 -10.47
N PRO B 199 23.05 6.36 -11.69
CA PRO B 199 22.73 5.14 -12.43
C PRO B 199 23.07 3.86 -11.70
N ASP B 200 22.24 2.84 -11.88
CA ASP B 200 22.48 1.54 -11.28
C ASP B 200 22.55 0.52 -12.41
N THR B 201 22.12 0.94 -13.59
CA THR B 201 22.14 0.06 -14.74
C THR B 201 22.68 0.78 -15.98
N ALA B 202 23.02 0.01 -17.00
CA ALA B 202 23.54 0.60 -18.22
C ALA B 202 22.60 1.68 -18.74
N GLY B 203 21.31 1.38 -18.77
CA GLY B 203 20.33 2.33 -19.25
C GLY B 203 19.97 2.08 -20.70
N LYS B 204 18.82 2.59 -21.14
CA LYS B 204 18.37 2.40 -22.52
C LYS B 204 17.78 3.69 -23.07
N PHE B 205 18.29 4.14 -24.22
CA PHE B 205 17.79 5.36 -24.83
C PHE B 205 16.80 5.05 -25.96
N TYR B 206 15.82 5.93 -26.14
CA TYR B 206 14.81 5.77 -27.18
C TYR B 206 14.64 7.13 -27.84
N PRO B 207 15.47 7.41 -28.84
CA PRO B 207 15.47 8.65 -29.62
C PRO B 207 14.16 8.86 -30.35
N ASN B 208 13.69 7.78 -30.96
CA ASN B 208 12.45 7.81 -31.72
C ASN B 208 11.26 7.70 -30.77
N GLN B 209 11.45 8.21 -29.55
CA GLN B 209 10.40 8.19 -28.54
C GLN B 209 10.37 9.50 -27.76
N ASP B 210 9.56 9.50 -26.70
CA ASP B 210 9.39 10.63 -25.80
C ASP B 210 8.58 10.02 -24.67
N CYS B 211 8.23 10.80 -23.65
CA CYS B 211 7.43 10.25 -22.54
C CYS B 211 6.14 9.59 -23.06
N SER B 212 5.42 10.35 -23.89
CA SER B 212 4.16 9.91 -24.48
C SER B 212 4.21 8.53 -25.12
N SER B 213 5.15 8.32 -26.03
CA SER B 213 5.29 7.06 -26.74
C SER B 213 5.43 5.84 -25.81
N LEU B 214 4.33 5.09 -25.68
CA LEU B 214 4.25 3.89 -24.83
C LEU B 214 4.43 4.18 -23.33
S SO4 C . -8.18 4.41 2.19
O1 SO4 C . -7.40 5.22 3.21
O2 SO4 C . -8.53 3.07 2.85
O3 SO4 C . -9.38 5.11 1.96
O4 SO4 C . -7.27 4.09 1.17
#